data_2GH0
#
_entry.id   2GH0
#
_cell.length_a   73.678
_cell.length_b   41.460
_cell.length_c   119.863
_cell.angle_alpha   90.00
_cell.angle_beta   103.56
_cell.angle_gamma   90.00
#
_symmetry.space_group_name_H-M   'P 1 21 1'
#
loop_
_entity.id
_entity.type
_entity.pdbx_description
1 polymer artemin
2 polymer 'GDNF family receptor alpha-3'
3 branched alpha-D-mannopyranose-(1-3)-[alpha-D-mannopyranose-(1-6)]beta-D-mannopyranose-(1-4)-2-acetamido-2-deoxy-beta-D-glucopyranose-(1-4)-2-acetamido-2-deoxy-beta-D-glucopyranose
4 non-polymer 2-acetamido-2-deoxy-beta-D-glucopyranose
5 water water
#
loop_
_entity_poly.entity_id
_entity_poly.type
_entity_poly.pdbx_seq_one_letter_code
_entity_poly.pdbx_strand_id
1 'polypeptide(L)'
;DPGCRLRSQLVPVRALGLGHRSDELVRFRFCSGSCRRARSPHDLSLASLLGAGALRPPPGSRPVSQPCCRPTRYEAVSFM
DVNSTWRTVDRLSATACGCLG
;
C,D
2 'polypeptide(L)'
;KLNMLKPDSDLCLKFAMLCTLNDKCDRLRKAYGEACSGPHCQRHVCLRQLLTFFEKAAEPHAQGLLLCPCAPNDRGCGER
RRNTIAPNCALPPVAPNCLELRRLCFSDPLCRSRLVDFQTHCHPMDILGTCATEQSRCLRAYLGLIGTAMTPNFVSNVNT
SVALSCTCRGSGNLQEECEMLEGFFSHNPCLTEAIAAKMRFHSQLFSQDWPHP
;
A,B
#
loop_
_chem_comp.id
_chem_comp.type
_chem_comp.name
_chem_comp.formula
BMA D-saccharide, beta linking beta-D-mannopyranose 'C6 H12 O6'
MAN D-saccharide, alpha linking alpha-D-mannopyranose 'C6 H12 O6'
NAG D-saccharide, beta linking 2-acetamido-2-deoxy-beta-D-glucopyranose 'C8 H15 N O6'
#
# COMPACT_ATOMS: atom_id res chain seq x y z
N ASP A 1 -14.17 -6.97 14.05
CA ASP A 1 -13.65 -7.26 12.66
C ASP A 1 -12.20 -6.80 12.54
N PRO A 2 -11.27 -7.76 12.60
CA PRO A 2 -9.83 -7.52 12.46
C PRO A 2 -9.35 -7.27 11.01
N GLY A 3 -10.25 -7.40 10.03
CA GLY A 3 -9.92 -7.12 8.64
C GLY A 3 -9.83 -5.62 8.41
N CYS A 4 -9.00 -5.23 7.45
CA CYS A 4 -8.78 -3.80 7.16
C CYS A 4 -10.10 -3.06 7.04
N ARG A 5 -10.28 -2.03 7.86
CA ARG A 5 -11.48 -1.18 7.77
C ARG A 5 -11.26 0.18 8.46
N LEU A 6 -12.20 1.07 8.19
CA LEU A 6 -12.25 2.38 8.80
C LEU A 6 -12.72 2.29 10.24
N ARG A 7 -11.93 2.92 11.13
CA ARG A 7 -12.20 2.92 12.55
C ARG A 7 -12.35 4.37 12.97
N SER A 8 -13.08 4.59 14.06
CA SER A 8 -13.41 5.93 14.53
C SER A 8 -13.20 5.99 16.02
N GLN A 9 -12.56 7.07 16.49
CA GLN A 9 -12.41 7.34 17.91
C GLN A 9 -12.48 8.82 18.22
N LEU A 10 -13.10 9.15 19.34
CA LEU A 10 -13.18 10.53 19.85
C LEU A 10 -11.88 10.77 20.61
N VAL A 11 -11.13 11.78 20.20
CA VAL A 11 -9.83 12.07 20.80
C VAL A 11 -9.70 13.58 21.14
N PRO A 12 -8.87 13.92 22.14
CA PRO A 12 -8.59 15.31 22.45
C PRO A 12 -7.87 15.95 21.27
N VAL A 13 -8.29 17.13 20.81
CA VAL A 13 -7.54 17.87 19.77
C VAL A 13 -6.07 18.03 20.21
N ARG A 14 -5.86 18.15 21.53
CA ARG A 14 -4.53 18.28 22.13
C ARG A 14 -3.58 17.10 21.86
N ALA A 15 -4.10 15.95 21.43
CA ALA A 15 -3.26 14.78 21.27
C ALA A 15 -2.89 14.63 19.80
N LEU A 16 -3.44 15.50 18.96
CA LEU A 16 -3.23 15.40 17.49
C LEU A 16 -1.91 15.99 16.99
N GLY A 17 -1.16 16.64 17.89
CA GLY A 17 0.12 17.28 17.57
C GLY A 17 0.07 18.41 16.57
N LEU A 18 -0.96 19.24 16.70
CA LEU A 18 -1.24 20.30 15.71
C LEU A 18 -0.66 21.67 16.01
N GLY A 19 -0.19 21.93 17.22
CA GLY A 19 0.19 23.34 17.49
C GLY A 19 -0.93 24.38 17.68
N HIS A 20 -2.09 24.23 17.02
CA HIS A 20 -3.32 24.93 17.50
C HIS A 20 -3.69 24.26 18.81
N ARG A 21 -4.01 25.07 19.80
CA ARG A 21 -4.43 24.62 21.10
C ARG A 21 -5.96 24.68 21.12
N SER A 22 -6.58 23.61 21.59
CA SER A 22 -8.04 23.52 21.71
C SER A 22 -8.42 22.68 22.92
N ASP A 23 -9.59 22.95 23.49
CA ASP A 23 -10.10 22.13 24.59
C ASP A 23 -11.10 21.10 24.09
N GLU A 24 -11.36 21.12 22.78
CA GLU A 24 -12.33 20.22 22.17
C GLU A 24 -11.86 18.77 21.96
N LEU A 25 -12.84 17.88 21.77
CA LEU A 25 -12.60 16.52 21.30
C LEU A 25 -13.12 16.46 19.91
N VAL A 26 -12.46 15.66 19.07
CA VAL A 26 -12.92 15.48 17.69
C VAL A 26 -13.01 14.00 17.40
N ARG A 27 -13.88 13.62 16.46
CA ARG A 27 -13.84 12.25 15.96
C ARG A 27 -12.67 12.17 15.00
N PHE A 28 -11.76 11.24 15.24
CA PHE A 28 -10.66 11.02 14.31
C PHE A 28 -10.85 9.57 13.78
N ARG A 29 -10.75 9.39 12.45
CA ARG A 29 -10.96 8.13 11.78
C ARG A 29 -9.64 7.73 11.08
N PHE A 30 -9.35 6.44 11.09
CA PHE A 30 -8.07 5.91 10.61
C PHE A 30 -8.34 4.49 10.09
N CYS A 31 -7.36 3.89 9.42
CA CYS A 31 -7.54 2.58 8.81
C CYS A 31 -6.66 1.61 9.58
N SER A 32 -7.18 0.41 9.86
CA SER A 32 -6.35 -0.65 10.41
C SER A 32 -6.95 -2.07 10.27
N GLY A 33 -6.08 -3.06 10.21
CA GLY A 33 -6.57 -4.39 10.14
C GLY A 33 -5.82 -5.17 9.08
N SER A 34 -6.15 -6.47 9.04
CA SER A 34 -5.52 -7.46 8.18
C SER A 34 -5.89 -7.34 6.69
N CYS A 35 -4.91 -7.58 5.81
CA CYS A 35 -5.04 -7.61 4.36
C CYS A 35 -4.59 -8.95 3.76
N ARG A 36 -4.83 -10.03 4.49
CA ARG A 36 -4.23 -11.30 4.11
C ARG A 36 -4.97 -11.84 2.87
N ARG A 37 -6.20 -11.38 2.66
CA ARG A 37 -6.96 -11.72 1.45
C ARG A 37 -6.24 -11.27 0.17
N ALA A 38 -5.58 -10.13 0.24
CA ALA A 38 -4.98 -9.50 -0.94
C ALA A 38 -3.52 -9.88 -1.10
N ARG A 39 -3.07 -10.91 -0.38
CA ARG A 39 -1.67 -11.39 -0.59
C ARG A 39 -1.39 -11.98 -1.94
N SER A 40 -0.25 -11.56 -2.50
CA SER A 40 0.30 -12.13 -3.74
C SER A 40 1.09 -13.44 -3.51
N PRO A 41 1.41 -14.17 -4.60
CA PRO A 41 2.41 -15.26 -4.49
C PRO A 41 3.72 -14.79 -3.81
N HIS A 42 4.21 -13.59 -4.09
CA HIS A 42 5.41 -13.08 -3.37
C HIS A 42 5.17 -12.97 -1.86
N ASP A 43 4.02 -12.38 -1.51
CA ASP A 43 3.60 -12.20 -0.12
C ASP A 43 3.50 -13.52 0.62
N LEU A 44 2.86 -14.48 -0.02
CA LEU A 44 2.69 -15.81 0.57
C LEU A 44 4.05 -16.47 0.85
N SER A 45 5.01 -16.35 -0.08
CA SER A 45 6.32 -16.96 0.11
C SER A 45 7.10 -16.18 1.16
N LEU A 46 6.92 -14.86 1.18
CA LEU A 46 7.57 -14.05 2.20
C LEU A 46 7.00 -14.38 3.60
N ALA A 47 5.68 -14.48 3.74
CA ALA A 47 5.07 -15.00 5.00
C ALA A 47 5.62 -16.39 5.40
N SER A 48 5.76 -17.28 4.43
CA SER A 48 6.35 -18.62 4.73
C SER A 48 7.79 -18.53 5.26
N LEU A 49 8.60 -17.72 4.61
CA LEU A 49 10.00 -17.55 5.02
C LEU A 49 10.15 -17.00 6.44
N LEU A 50 9.34 -16.01 6.75
CA LEU A 50 9.26 -15.44 8.11
C LEU A 50 8.76 -16.42 9.11
N GLY A 51 7.69 -17.14 8.76
CA GLY A 51 7.17 -18.18 9.68
C GLY A 51 8.19 -19.28 9.93
N ALA A 52 8.97 -19.54 8.89
CA ALA A 52 10.02 -20.56 8.94
C ALA A 52 11.38 -20.16 9.63
N GLY A 53 11.55 -18.89 10.08
CA GLY A 53 12.83 -18.47 10.67
C GLY A 53 13.93 -18.28 9.61
N ALA A 54 13.56 -18.18 8.29
CA ALA A 54 14.55 -18.34 7.20
C ALA A 54 15.37 -17.09 6.88
N LEU A 55 14.88 -15.94 7.30
CA LEU A 55 15.50 -14.66 6.93
C LEU A 55 16.24 -14.01 8.10
N ARG A 56 17.46 -13.59 7.85
CA ARG A 56 18.20 -12.69 8.74
C ARG A 56 17.43 -11.35 8.76
N PRO A 57 17.30 -10.73 9.94
CA PRO A 57 16.62 -9.46 9.99
C PRO A 57 17.37 -8.36 9.24
N PRO A 58 16.68 -7.64 8.31
CA PRO A 58 17.42 -6.57 7.66
C PRO A 58 17.45 -5.35 8.60
N PRO A 59 18.34 -4.36 8.33
CA PRO A 59 18.32 -3.21 9.24
C PRO A 59 17.04 -2.44 9.06
N GLY A 60 16.60 -1.74 10.10
CA GLY A 60 15.34 -1.04 10.06
C GLY A 60 14.20 -2.00 10.35
N SER A 61 13.02 -1.61 9.88
CA SER A 61 11.76 -2.29 10.20
C SER A 61 11.70 -3.68 9.61
N ARG A 62 10.88 -4.54 10.22
CA ARG A 62 10.59 -5.90 9.69
C ARG A 62 9.93 -5.80 8.29
N PRO A 63 10.22 -6.73 7.34
CA PRO A 63 9.40 -6.68 6.09
C PRO A 63 7.93 -7.00 6.37
N VAL A 64 7.01 -6.38 5.66
CA VAL A 64 5.60 -6.73 5.83
C VAL A 64 5.28 -7.77 4.78
N SER A 65 4.40 -8.72 5.05
CA SER A 65 4.14 -9.81 4.07
C SER A 65 2.72 -9.72 3.54
N GLN A 66 2.13 -8.51 3.52
CA GLN A 66 0.78 -8.35 3.02
C GLN A 66 0.58 -6.85 2.76
N PRO A 67 -0.42 -6.48 1.93
CA PRO A 67 -0.75 -5.07 1.76
C PRO A 67 -1.00 -4.38 3.09
N CYS A 68 -0.81 -3.06 3.13
CA CYS A 68 -1.10 -2.28 4.34
C CYS A 68 -2.46 -1.70 4.30
N CYS A 69 -3.13 -1.71 5.42
CA CYS A 69 -4.42 -1.01 5.54
C CYS A 69 -4.18 0.49 5.65
N ARG A 70 -4.63 1.28 4.67
CA ARG A 70 -4.25 2.69 4.62
C ARG A 70 -5.44 3.46 4.07
N PRO A 71 -5.56 4.76 4.39
CA PRO A 71 -6.65 5.58 3.89
C PRO A 71 -6.57 5.68 2.39
N THR A 72 -7.72 5.69 1.73
CA THR A 72 -7.80 6.00 0.30
C THR A 72 -8.42 7.39 0.06
N ARG A 73 -8.97 7.98 1.11
CA ARG A 73 -9.59 9.30 1.01
C ARG A 73 -9.46 9.96 2.37
N TYR A 74 -9.42 11.28 2.39
CA TYR A 74 -9.33 12.03 3.64
C TYR A 74 -10.37 13.20 3.69
N GLU A 75 -10.63 13.69 4.88
CA GLU A 75 -11.40 14.95 5.04
C GLU A 75 -10.76 15.79 6.13
N ALA A 76 -11.20 17.05 6.24
CA ALA A 76 -10.63 17.95 7.23
C ALA A 76 -11.20 17.65 8.61
N VAL A 77 -10.51 18.13 9.63
CA VAL A 77 -11.03 18.19 10.99
C VAL A 77 -11.15 19.69 11.41
N SER A 78 -12.25 20.05 12.08
CA SER A 78 -12.54 21.47 12.43
C SER A 78 -12.92 21.52 13.87
N PHE A 79 -12.54 22.59 14.55
CA PHE A 79 -12.73 22.74 15.97
C PHE A 79 -12.56 24.22 16.27
N MET A 80 -13.01 24.63 17.45
CA MET A 80 -12.72 25.96 17.95
C MET A 80 -11.50 25.89 18.87
N ASP A 81 -10.53 26.79 18.67
CA ASP A 81 -9.30 26.79 19.51
C ASP A 81 -9.55 27.43 20.87
N VAL A 82 -8.52 27.54 21.72
CA VAL A 82 -8.73 28.10 23.06
C VAL A 82 -9.13 29.59 23.07
N ASN A 83 -8.90 30.30 21.97
CA ASN A 83 -9.29 31.70 21.84
C ASN A 83 -10.69 31.88 21.22
N SER A 84 -11.43 30.79 21.04
CA SER A 84 -12.75 30.78 20.45
C SER A 84 -12.68 31.01 18.93
N THR A 85 -11.62 30.71 18.30
CA THR A 85 -11.52 30.89 16.84
C THR A 85 -11.66 29.55 16.14
N TRP A 86 -12.53 29.50 15.14
CA TRP A 86 -12.61 28.27 14.33
C TRP A 86 -11.36 28.03 13.49
N ARG A 87 -10.87 26.79 13.55
CA ARG A 87 -9.70 26.34 12.83
C ARG A 87 -10.08 25.06 12.06
N THR A 88 -9.44 24.87 10.92
CA THR A 88 -9.62 23.65 10.12
C THR A 88 -8.25 23.21 9.61
N VAL A 89 -8.00 21.93 9.76
CA VAL A 89 -6.79 21.28 9.26
C VAL A 89 -7.22 20.24 8.22
N ASP A 90 -6.76 20.43 6.99
CA ASP A 90 -7.18 19.63 5.85
C ASP A 90 -6.55 18.21 5.90
N ARG A 91 -7.23 17.24 5.28
CA ARG A 91 -6.71 15.89 5.06
C ARG A 91 -6.19 15.19 6.34
N LEU A 92 -6.81 15.51 7.49
CA LEU A 92 -6.37 14.98 8.80
C LEU A 92 -6.95 13.62 9.12
N SER A 93 -8.18 13.36 8.66
CA SER A 93 -8.96 12.17 9.10
C SER A 93 -9.35 11.34 7.88
N ALA A 94 -9.21 10.01 7.98
CA ALA A 94 -9.58 9.11 6.90
C ALA A 94 -11.10 9.06 6.75
N THR A 95 -11.56 8.84 5.52
CA THR A 95 -12.97 8.55 5.19
C THR A 95 -13.22 7.20 4.46
N ALA A 96 -12.14 6.52 4.05
CA ALA A 96 -12.25 5.26 3.32
C ALA A 96 -10.90 4.58 3.48
N CYS A 97 -10.88 3.24 3.37
CA CYS A 97 -9.65 2.47 3.60
C CYS A 97 -9.43 1.49 2.48
N GLY A 98 -8.16 1.13 2.25
CA GLY A 98 -7.81 0.17 1.21
C GLY A 98 -6.73 -0.76 1.72
N CYS A 99 -6.66 -1.95 1.15
CA CYS A 99 -5.49 -2.79 1.29
C CYS A 99 -4.47 -2.42 0.24
N LEU A 100 -3.54 -1.53 0.57
CA LEU A 100 -2.70 -0.89 -0.47
C LEU A 100 -1.29 -1.47 -0.60
N PRO B 2 18.21 0.47 6.04
CA PRO B 2 17.43 1.17 7.11
C PRO B 2 16.13 1.82 6.60
N GLY B 3 16.27 2.63 5.54
CA GLY B 3 15.16 3.17 4.77
C GLY B 3 14.68 2.16 3.75
N CYS B 4 13.54 2.45 3.12
CA CYS B 4 12.87 1.44 2.26
C CYS B 4 13.73 1.06 1.05
N ARG B 5 14.09 -0.23 0.91
CA ARG B 5 15.05 -0.69 -0.10
C ARG B 5 14.80 -2.18 -0.45
N LEU B 6 15.25 -2.59 -1.64
CA LEU B 6 15.28 -3.99 -2.06
C LEU B 6 16.36 -4.74 -1.29
N ARG B 7 15.99 -5.88 -0.72
CA ARG B 7 16.88 -6.67 0.09
C ARG B 7 17.02 -8.07 -0.56
N SER B 8 18.11 -8.77 -0.27
CA SER B 8 18.38 -10.02 -0.96
C SER B 8 19.05 -11.04 -0.02
N GLN B 9 18.60 -12.28 -0.05
CA GLN B 9 19.14 -13.34 0.82
C GLN B 9 19.00 -14.69 0.12
N LEU B 10 19.93 -15.59 0.34
CA LEU B 10 19.77 -16.98 -0.06
C LEU B 10 18.92 -17.68 0.98
N VAL B 11 17.89 -18.35 0.50
CA VAL B 11 16.98 -19.07 1.40
C VAL B 11 16.74 -20.51 0.90
N PRO B 12 16.43 -21.44 1.82
CA PRO B 12 16.03 -22.78 1.40
C PRO B 12 14.73 -22.72 0.56
N VAL B 13 14.72 -23.34 -0.62
CA VAL B 13 13.50 -23.44 -1.41
C VAL B 13 12.38 -24.05 -0.54
N ARG B 14 12.76 -24.96 0.37
CA ARG B 14 11.77 -25.58 1.20
C ARG B 14 11.04 -24.63 2.16
N ALA B 15 11.58 -23.45 2.36
CA ALA B 15 10.95 -22.44 3.25
C ALA B 15 9.98 -21.54 2.52
N LEU B 16 9.96 -21.66 1.21
CA LEU B 16 9.15 -20.75 0.42
C LEU B 16 7.67 -21.06 0.45
N GLY B 17 7.30 -22.22 0.97
CA GLY B 17 5.88 -22.63 1.08
C GLY B 17 5.27 -22.99 -0.27
N LEU B 18 6.03 -23.66 -1.10
CA LEU B 18 5.63 -23.95 -2.49
C LEU B 18 5.11 -25.36 -2.78
N GLY B 19 5.15 -26.26 -1.82
CA GLY B 19 4.66 -27.60 -2.17
C GLY B 19 5.76 -28.47 -2.78
N HIS B 20 6.24 -28.15 -3.99
CA HIS B 20 7.45 -28.82 -4.54
C HIS B 20 8.55 -28.81 -3.49
N ARG B 21 9.22 -29.94 -3.34
CA ARG B 21 10.29 -30.14 -2.37
C ARG B 21 11.61 -29.97 -3.10
N SER B 22 12.60 -29.40 -2.43
CA SER B 22 13.90 -29.13 -3.06
C SER B 22 14.96 -29.10 -1.96
N ASP B 23 16.21 -29.30 -2.35
CA ASP B 23 17.35 -29.21 -1.46
C ASP B 23 18.16 -27.97 -1.84
N GLU B 24 17.66 -27.26 -2.85
CA GLU B 24 18.33 -26.07 -3.30
C GLU B 24 18.11 -24.84 -2.40
N LEU B 25 19.06 -23.92 -2.46
CA LEU B 25 18.92 -22.55 -1.97
C LEU B 25 18.61 -21.74 -3.18
N VAL B 26 17.84 -20.65 -3.02
CA VAL B 26 17.64 -19.70 -4.10
C VAL B 26 17.81 -18.29 -3.58
N ARG B 27 18.21 -17.40 -4.46
CA ARG B 27 18.22 -15.99 -4.11
C ARG B 27 16.76 -15.50 -4.05
N PHE B 28 16.37 -14.93 -2.90
CA PHE B 28 15.03 -14.33 -2.81
C PHE B 28 15.16 -12.86 -2.46
N ARG B 29 14.45 -12.00 -3.19
CA ARG B 29 14.47 -10.59 -2.95
C ARG B 29 13.12 -10.07 -2.48
N PHE B 30 13.16 -9.13 -1.53
CA PHE B 30 11.99 -8.59 -0.88
C PHE B 30 12.28 -7.15 -0.49
N CYS B 31 11.26 -6.46 0.00
CA CYS B 31 11.33 -5.01 0.26
C CYS B 31 11.15 -4.82 1.74
N SER B 32 11.94 -3.92 2.34
CA SER B 32 11.72 -3.53 3.76
C SER B 32 12.39 -2.19 4.09
N GLY B 33 11.82 -1.43 5.01
CA GLY B 33 12.51 -0.26 5.55
C GLY B 33 11.53 0.87 5.78
N SER B 34 12.01 1.95 6.39
CA SER B 34 11.12 3.06 6.78
C SER B 34 10.75 3.93 5.58
N CYS B 35 9.55 4.48 5.62
CA CYS B 35 9.00 5.42 4.63
C CYS B 35 8.69 6.72 5.36
N ARG B 36 9.72 7.30 5.96
CA ARG B 36 9.57 8.50 6.75
C ARG B 36 10.24 9.57 5.94
N ARG B 37 9.46 10.22 5.09
CA ARG B 37 9.99 11.27 4.25
C ARG B 37 8.89 12.26 3.93
N ALA B 38 7.92 11.83 3.13
CA ALA B 38 6.91 12.78 2.65
C ALA B 38 5.80 13.01 3.71
N ARG B 39 6.18 13.08 5.00
CA ARG B 39 5.23 12.88 6.12
C ARG B 39 3.90 13.63 6.10
N SER B 40 2.80 12.85 6.03
CA SER B 40 1.46 13.41 5.79
C SER B 40 0.83 13.92 7.09
N PRO B 41 -0.08 14.92 6.98
CA PRO B 41 -0.82 15.39 8.16
C PRO B 41 -1.50 14.26 8.93
N HIS B 42 -2.20 13.38 8.22
CA HIS B 42 -2.89 12.25 8.87
C HIS B 42 -1.89 11.40 9.67
N ASP B 43 -0.75 11.06 9.05
CA ASP B 43 0.25 10.14 9.63
C ASP B 43 0.96 10.80 10.80
N LEU B 44 1.22 12.09 10.66
CA LEU B 44 1.77 12.87 11.77
C LEU B 44 0.85 12.83 12.97
N SER B 45 -0.45 12.99 12.74
CA SER B 45 -1.40 12.98 13.88
C SER B 45 -1.64 11.60 14.42
N LEU B 46 -1.79 10.62 13.52
CA LEU B 46 -1.84 9.20 13.93
C LEU B 46 -0.65 8.84 14.80
N ALA B 47 0.55 9.24 14.38
CA ALA B 47 1.75 8.95 15.13
C ALA B 47 1.75 9.69 16.49
N SER B 48 1.21 10.91 16.49
CA SER B 48 1.09 11.70 17.70
C SER B 48 0.14 10.99 18.69
N LEU B 49 -1.01 10.54 18.18
CA LEU B 49 -2.06 9.93 18.99
C LEU B 49 -1.64 8.61 19.55
N LEU B 50 -0.96 7.81 18.72
CA LEU B 50 -0.34 6.55 19.16
C LEU B 50 0.74 6.81 20.22
N GLY B 51 1.51 7.87 20.03
CA GLY B 51 2.52 8.29 21.01
C GLY B 51 1.97 8.84 22.31
N ALA B 52 0.84 9.54 22.24
CA ALA B 52 0.15 10.06 23.43
C ALA B 52 -0.78 9.01 24.08
N GLY B 53 -0.97 7.88 23.38
CA GLY B 53 -1.78 6.76 23.83
C GLY B 53 -3.25 7.11 23.85
N ALA B 54 -3.65 7.96 22.91
CA ALA B 54 -5.03 8.47 22.85
C ALA B 54 -5.94 7.53 22.06
N LEU B 55 -5.34 6.54 21.39
CA LEU B 55 -6.09 5.56 20.63
C LEU B 55 -6.12 4.20 21.33
N ARG B 56 -7.34 3.75 21.65
CA ARG B 56 -7.57 2.40 22.11
C ARG B 56 -7.19 1.50 20.96
N PRO B 57 -6.47 0.40 21.24
CA PRO B 57 -6.05 -0.42 20.09
C PRO B 57 -7.24 -1.19 19.50
N PRO B 58 -7.42 -1.08 18.17
CA PRO B 58 -8.48 -1.80 17.47
C PRO B 58 -8.28 -3.31 17.53
N PRO B 59 -9.33 -4.10 17.22
CA PRO B 59 -9.10 -5.54 17.03
C PRO B 59 -8.14 -5.76 15.87
N GLY B 60 -7.26 -6.75 15.99
CA GLY B 60 -6.29 -7.05 14.94
C GLY B 60 -5.00 -6.24 15.00
N SER B 61 -4.41 -6.06 13.81
CA SER B 61 -3.19 -5.31 13.57
C SER B 61 -3.36 -3.89 14.06
N ARG B 62 -2.30 -3.29 14.61
CA ARG B 62 -2.38 -1.84 14.90
C ARG B 62 -2.22 -1.01 13.62
N PRO B 63 -2.73 0.24 13.64
CA PRO B 63 -2.59 1.04 12.44
C PRO B 63 -1.15 1.45 12.20
N VAL B 64 -0.79 1.59 10.95
CA VAL B 64 0.54 2.08 10.62
C VAL B 64 0.47 3.58 10.33
N SER B 65 1.46 4.33 10.81
CA SER B 65 1.52 5.80 10.63
C SER B 65 2.55 6.23 9.57
N GLN B 66 2.69 5.41 8.51
CA GLN B 66 3.69 5.57 7.44
C GLN B 66 3.26 4.74 6.24
N PRO B 67 3.68 5.14 5.03
CA PRO B 67 3.50 4.21 3.95
C PRO B 67 4.32 2.92 4.24
N CYS B 68 3.91 1.81 3.62
CA CYS B 68 4.64 0.52 3.74
C CYS B 68 5.62 0.29 2.59
N CYS B 69 6.80 -0.25 2.92
CA CYS B 69 7.78 -0.62 1.92
C CYS B 69 7.31 -1.89 1.20
N ARG B 70 6.95 -1.76 -0.08
CA ARG B 70 6.39 -2.88 -0.81
C ARG B 70 6.99 -3.11 -2.19
N PRO B 71 6.91 -4.35 -2.72
CA PRO B 71 7.43 -4.50 -4.10
C PRO B 71 6.55 -3.89 -5.14
N THR B 72 7.15 -3.45 -6.23
CA THR B 72 6.42 -2.78 -7.28
C THR B 72 6.51 -3.59 -8.59
N ARG B 73 7.47 -4.50 -8.63
CA ARG B 73 7.77 -5.36 -9.80
C ARG B 73 8.33 -6.67 -9.28
N TYR B 74 8.28 -7.75 -10.08
CA TYR B 74 8.69 -9.12 -9.62
C TYR B 74 9.40 -9.90 -10.71
N GLU B 75 10.14 -10.94 -10.34
CA GLU B 75 10.64 -11.89 -11.33
C GLU B 75 10.40 -13.31 -10.84
N ALA B 76 10.47 -14.29 -11.75
CA ALA B 76 10.30 -15.70 -11.40
C ALA B 76 11.45 -16.27 -10.53
N VAL B 77 11.19 -17.40 -9.87
CA VAL B 77 12.17 -18.15 -9.10
C VAL B 77 12.14 -19.55 -9.74
N SER B 78 13.32 -20.10 -10.04
CA SER B 78 13.46 -21.41 -10.70
C SER B 78 14.45 -22.27 -9.93
N PHE B 79 14.25 -23.58 -9.95
CA PHE B 79 15.07 -24.52 -9.15
C PHE B 79 14.81 -25.96 -9.60
N MET B 80 15.70 -26.87 -9.27
CA MET B 80 15.43 -28.26 -9.57
C MET B 80 14.88 -28.86 -8.30
N ASP B 81 13.77 -29.59 -8.43
CA ASP B 81 13.19 -30.23 -7.23
C ASP B 81 13.89 -31.57 -6.89
N VAL B 82 13.49 -32.20 -5.80
CA VAL B 82 14.15 -33.45 -5.31
C VAL B 82 14.17 -34.60 -6.31
N ASN B 83 13.30 -34.53 -7.31
CA ASN B 83 13.29 -35.50 -8.41
C ASN B 83 14.07 -34.99 -9.64
N SER B 84 14.80 -33.88 -9.44
CA SER B 84 15.66 -33.33 -10.49
C SER B 84 14.86 -32.82 -11.67
N THR B 85 13.63 -32.38 -11.42
CA THR B 85 12.82 -31.72 -12.42
C THR B 85 12.92 -30.20 -12.18
N TRP B 86 13.14 -29.45 -13.24
CA TRP B 86 13.15 -27.99 -13.14
C TRP B 86 11.74 -27.47 -12.91
N ARG B 87 11.60 -26.56 -11.94
CA ARG B 87 10.36 -25.90 -11.59
C ARG B 87 10.59 -24.41 -11.65
N THR B 88 9.56 -23.66 -12.00
CA THR B 88 9.63 -22.21 -12.02
C THR B 88 8.31 -21.68 -11.47
N VAL B 89 8.41 -20.66 -10.63
CA VAL B 89 7.25 -19.94 -10.12
C VAL B 89 7.35 -18.48 -10.50
N ASP B 90 6.39 -17.99 -11.28
CA ASP B 90 6.36 -16.56 -11.68
C ASP B 90 6.11 -15.57 -10.55
N ARG B 91 6.66 -14.38 -10.75
CA ARG B 91 6.41 -13.23 -9.89
C ARG B 91 6.61 -13.53 -8.40
N LEU B 92 7.53 -14.42 -8.06
CA LEU B 92 7.78 -14.69 -6.62
C LEU B 92 8.74 -13.74 -5.94
N SER B 93 9.68 -13.18 -6.70
CA SER B 93 10.81 -12.46 -6.10
C SER B 93 10.68 -11.01 -6.55
N ALA B 94 10.84 -10.07 -5.61
CA ALA B 94 10.84 -8.63 -5.91
C ALA B 94 12.03 -8.17 -6.73
N THR B 95 11.80 -7.19 -7.63
CA THR B 95 12.92 -6.61 -8.37
C THR B 95 12.96 -5.09 -8.19
N ALA B 96 11.93 -4.52 -7.58
CA ALA B 96 11.92 -3.09 -7.23
C ALA B 96 10.98 -2.85 -6.06
N CYS B 97 11.26 -1.80 -5.28
CA CYS B 97 10.45 -1.44 -4.10
C CYS B 97 9.94 0.00 -4.14
N GLY B 98 8.96 0.32 -3.32
CA GLY B 98 8.43 1.70 -3.25
C GLY B 98 7.79 1.95 -1.91
N CYS B 99 7.50 3.21 -1.57
CA CYS B 99 6.77 3.48 -0.35
C CYS B 99 5.34 3.68 -0.80
N LEU B 100 4.48 2.73 -0.45
CA LEU B 100 3.13 2.64 -1.02
C LEU B 100 2.11 2.94 0.05
N ASP C 8 -13.21 21.03 34.88
CA ASP C 8 -13.90 22.36 35.01
C ASP C 8 -14.23 23.04 33.68
N SER C 9 -14.59 22.24 32.69
CA SER C 9 -15.03 22.78 31.39
C SER C 9 -16.31 23.58 31.57
N ASP C 10 -16.47 24.66 30.81
CA ASP C 10 -17.70 25.42 30.87
C ASP C 10 -18.79 24.71 30.09
N LEU C 11 -20.03 25.16 30.25
CA LEU C 11 -21.14 24.40 29.67
C LEU C 11 -21.25 24.66 28.18
N CYS C 12 -20.75 25.79 27.70
CA CYS C 12 -20.74 25.98 26.23
C CYS C 12 -19.85 24.91 25.55
N LEU C 13 -18.69 24.63 26.13
CA LEU C 13 -17.81 23.57 25.65
C LEU C 13 -18.53 22.22 25.78
N LYS C 14 -19.08 21.93 26.95
CA LYS C 14 -19.82 20.67 27.12
C LYS C 14 -20.95 20.47 26.09
N PHE C 15 -21.75 21.50 25.84
CA PHE C 15 -22.79 21.37 24.81
C PHE C 15 -22.31 21.21 23.37
N ALA C 16 -21.19 21.85 23.05
CA ALA C 16 -20.50 21.61 21.75
C ALA C 16 -20.19 20.14 21.67
N MET C 17 -19.64 19.60 22.74
CA MET C 17 -19.25 18.19 22.71
C MET C 17 -20.43 17.19 22.70
N LEU C 18 -21.59 17.54 23.31
CA LEU C 18 -22.80 16.73 23.13
C LEU C 18 -23.19 16.62 21.68
N CYS C 19 -23.01 17.69 20.93
CA CYS C 19 -23.25 17.66 19.47
C CYS C 19 -22.26 16.70 18.79
N THR C 20 -20.98 16.82 19.15
CA THR C 20 -19.93 15.98 18.55
C THR C 20 -20.23 14.51 18.82
N LEU C 21 -20.84 14.25 19.98
CA LEU C 21 -21.22 12.88 20.36
C LEU C 21 -22.39 12.29 19.53
N ASN C 22 -23.11 13.15 18.82
CA ASN C 22 -24.27 12.71 18.05
C ASN C 22 -23.82 12.73 16.61
N ASP C 23 -23.90 11.60 15.92
CA ASP C 23 -23.34 11.44 14.58
C ASP C 23 -23.82 12.53 13.66
N LYS C 24 -25.12 12.74 13.63
CA LYS C 24 -25.78 13.67 12.71
C LYS C 24 -25.36 15.11 13.00
N CYS C 25 -25.39 15.50 14.26
CA CYS C 25 -25.04 16.86 14.63
C CYS C 25 -23.54 17.13 14.43
N ASP C 26 -22.69 16.17 14.79
CA ASP C 26 -21.26 16.30 14.55
C ASP C 26 -20.98 16.63 13.08
N ARG C 27 -21.62 15.91 12.16
CA ARG C 27 -21.28 16.09 10.74
C ARG C 27 -21.70 17.50 10.30
N LEU C 28 -22.86 17.94 10.78
CA LEU C 28 -23.41 19.27 10.37
C LEU C 28 -22.60 20.44 10.97
N ARG C 29 -22.14 20.25 12.21
CA ARG C 29 -21.31 21.28 12.89
C ARG C 29 -19.96 21.33 12.20
N LYS C 30 -19.38 20.17 11.91
CA LYS C 30 -18.10 20.10 11.21
C LYS C 30 -18.19 20.79 9.84
N ALA C 31 -19.30 20.57 9.14
CA ALA C 31 -19.55 21.17 7.84
C ALA C 31 -19.52 22.71 7.87
N TYR C 32 -20.23 23.35 8.82
CA TYR C 32 -20.18 24.81 8.82
C TYR C 32 -18.88 25.32 9.42
N GLY C 33 -18.32 24.57 10.38
CA GLY C 33 -17.06 24.98 10.97
C GLY C 33 -15.99 25.07 9.89
N GLU C 34 -16.01 24.09 8.97
CA GLU C 34 -15.08 24.09 7.83
C GLU C 34 -15.35 25.25 6.87
N ALA C 35 -16.61 25.44 6.51
CA ALA C 35 -17.05 26.53 5.60
C ALA C 35 -16.81 27.95 6.15
N CYS C 36 -16.71 28.08 7.47
CA CYS C 36 -16.67 29.35 8.14
C CYS C 36 -15.30 29.67 8.74
N SER C 37 -14.32 28.79 8.55
CA SER C 37 -12.96 28.98 9.06
C SER C 37 -12.08 29.88 8.19
N GLY C 38 -11.18 30.58 8.88
CA GLY C 38 -9.85 30.97 8.32
C GLY C 38 -9.97 32.41 7.93
N PRO C 39 -8.84 33.07 7.65
CA PRO C 39 -9.00 34.44 7.21
C PRO C 39 -9.68 34.44 5.84
N HIS C 40 -9.57 33.30 5.14
CA HIS C 40 -10.27 33.02 3.90
C HIS C 40 -11.79 33.21 4.08
N CYS C 41 -12.50 32.08 4.13
CA CYS C 41 -13.95 31.94 4.14
C CYS C 41 -14.70 32.62 2.99
N GLN C 42 -15.36 31.79 2.20
CA GLN C 42 -16.34 32.28 1.24
C GLN C 42 -17.59 32.51 2.07
N ARG C 43 -18.04 33.76 2.18
CA ARG C 43 -19.08 34.04 3.17
C ARG C 43 -20.40 33.34 2.84
N HIS C 44 -20.73 33.25 1.54
CA HIS C 44 -21.97 32.62 1.10
C HIS C 44 -22.03 31.09 1.36
N VAL C 45 -20.87 30.45 1.34
CA VAL C 45 -20.82 29.02 1.61
C VAL C 45 -20.98 28.85 3.12
N CYS C 46 -20.32 29.68 3.90
CA CYS C 46 -20.50 29.62 5.38
C CYS C 46 -21.96 29.81 5.77
N LEU C 47 -22.60 30.81 5.15
CA LEU C 47 -24.00 31.12 5.47
C LEU C 47 -24.88 29.91 5.12
N ARG C 48 -24.65 29.30 3.98
CA ARG C 48 -25.43 28.16 3.51
C ARG C 48 -25.25 26.94 4.45
N GLN C 49 -24.03 26.74 4.93
CA GLN C 49 -23.78 25.61 5.90
C GLN C 49 -24.41 25.88 7.27
N LEU C 50 -24.46 27.14 7.69
CA LEU C 50 -25.21 27.55 8.90
C LEU C 50 -26.71 27.25 8.76
N LEU C 51 -27.28 27.62 7.62
CA LEU C 51 -28.70 27.40 7.38
C LEU C 51 -29.02 25.92 7.44
N THR C 52 -28.18 25.12 6.81
CA THR C 52 -28.36 23.64 6.82
C THR C 52 -28.26 23.11 8.22
N PHE C 53 -27.31 23.64 8.99
CA PHE C 53 -27.10 23.12 10.35
C PHE C 53 -28.39 23.28 11.16
N PHE C 54 -28.98 24.48 11.20
CA PHE C 54 -30.17 24.65 12.02
C PHE C 54 -31.40 23.95 11.42
N GLU C 55 -31.42 23.81 10.11
CA GLU C 55 -32.44 23.07 9.46
C GLU C 55 -32.45 21.56 9.79
N LYS C 56 -31.25 20.96 9.84
CA LYS C 56 -31.10 19.52 9.89
C LYS C 56 -30.80 18.95 11.29
N ALA C 57 -30.13 19.71 12.14
CA ALA C 57 -29.72 19.22 13.46
C ALA C 57 -30.97 19.10 14.34
N ALA C 58 -30.99 18.15 15.30
CA ALA C 58 -32.14 18.08 16.22
C ALA C 58 -32.25 19.40 16.96
N GLU C 59 -33.48 19.95 17.13
CA GLU C 59 -33.61 21.25 17.77
C GLU C 59 -32.92 21.28 19.12
N PRO C 60 -33.10 20.22 19.93
CA PRO C 60 -32.43 20.35 21.22
C PRO C 60 -30.87 20.41 21.15
N HIS C 61 -30.26 19.70 20.19
CA HIS C 61 -28.80 19.81 19.97
C HIS C 61 -28.40 21.18 19.47
N ALA C 62 -29.13 21.69 18.52
CA ALA C 62 -28.82 23.03 18.00
C ALA C 62 -28.97 24.15 19.06
N GLN C 63 -30.01 24.06 19.90
CA GLN C 63 -30.22 25.06 20.98
C GLN C 63 -29.24 24.90 22.12
N GLY C 64 -28.79 23.68 22.36
CA GLY C 64 -27.75 23.44 23.38
C GLY C 64 -26.43 24.09 22.92
N LEU C 65 -26.14 23.93 21.65
CA LEU C 65 -24.88 24.41 21.08
C LEU C 65 -24.81 25.96 21.23
N LEU C 66 -25.88 26.61 20.86
CA LEU C 66 -25.85 28.09 20.80
C LEU C 66 -26.36 28.79 22.03
N LEU C 67 -27.41 28.25 22.68
CA LEU C 67 -28.08 28.91 23.83
C LEU C 67 -27.57 28.33 25.08
N CYS C 68 -26.24 28.37 25.20
CA CYS C 68 -25.57 27.67 26.32
C CYS C 68 -25.28 28.68 27.41
N PRO C 69 -25.42 28.25 28.67
CA PRO C 69 -25.29 29.19 29.77
C PRO C 69 -23.83 29.44 30.21
N CYS C 70 -23.50 30.67 30.65
CA CYS C 70 -22.16 31.07 31.09
C CYS C 70 -22.26 31.80 32.41
N ALA C 71 -21.36 31.49 33.35
CA ALA C 71 -21.28 32.30 34.57
C ALA C 71 -20.94 33.75 34.19
N PRO C 72 -21.36 34.73 35.04
CA PRO C 72 -21.20 36.16 34.74
C PRO C 72 -19.71 36.52 34.43
N ASN C 73 -18.80 36.02 35.26
CA ASN C 73 -17.38 36.40 35.09
C ASN C 73 -16.57 35.41 34.22
N ASP C 74 -17.27 34.55 33.47
CA ASP C 74 -16.59 33.51 32.68
C ASP C 74 -16.50 33.99 31.22
N ARG C 75 -15.50 34.83 30.95
CA ARG C 75 -15.40 35.49 29.66
C ARG C 75 -15.03 34.50 28.56
N GLY C 76 -14.29 33.46 28.91
CA GLY C 76 -13.96 32.36 27.97
C GLY C 76 -15.22 31.68 27.44
N CYS C 77 -16.14 31.34 28.34
CA CYS C 77 -17.44 30.77 27.92
C CYS C 77 -18.22 31.72 27.04
N GLY C 78 -18.30 32.99 27.47
CA GLY C 78 -19.08 33.94 26.69
C GLY C 78 -18.51 34.15 25.31
N GLU C 79 -17.18 34.15 25.21
CA GLU C 79 -16.49 34.32 23.94
C GLU C 79 -16.74 33.11 23.06
N ARG C 80 -16.66 31.92 23.63
CA ARG C 80 -17.04 30.70 22.85
C ARG C 80 -18.46 30.83 22.31
N ARG C 81 -19.40 31.18 23.19
CA ARG C 81 -20.81 31.31 22.76
C ARG C 81 -20.98 32.34 21.68
N ARG C 82 -20.32 33.49 21.82
CA ARG C 82 -20.42 34.58 20.81
C ARG C 82 -19.79 34.22 19.44
N ASN C 83 -18.82 33.31 19.46
CA ASN C 83 -18.18 32.90 18.19
C ASN C 83 -18.58 31.57 17.60
N THR C 84 -19.55 30.95 18.27
CA THR C 84 -20.07 29.66 17.83
C THR C 84 -20.55 29.63 16.40
N ILE C 85 -21.24 30.68 15.92
CA ILE C 85 -21.67 30.74 14.51
C ILE C 85 -20.63 31.36 13.57
N ALA C 86 -19.40 31.53 14.06
CA ALA C 86 -18.32 32.15 13.24
C ALA C 86 -18.72 33.54 12.67
N PRO C 87 -19.04 34.53 13.53
CA PRO C 87 -19.56 35.84 13.03
C PRO C 87 -18.52 36.62 12.17
N ASN C 88 -17.24 36.42 12.46
CA ASN C 88 -16.16 37.07 11.66
C ASN C 88 -16.19 36.61 10.21
N CYS C 89 -16.81 35.46 9.96
CA CYS C 89 -17.05 35.02 8.62
C CYS C 89 -18.45 35.32 8.13
N ALA C 90 -19.45 35.01 8.95
CA ALA C 90 -20.87 35.02 8.57
C ALA C 90 -21.38 36.44 8.37
N LEU C 91 -20.82 37.39 9.10
CA LEU C 91 -21.34 38.79 9.07
C LEU C 91 -20.44 39.71 8.28
N PRO C 92 -21.04 40.64 7.48
CA PRO C 92 -20.30 41.69 6.78
C PRO C 92 -19.39 42.42 7.74
N PRO C 93 -18.20 42.84 7.30
CA PRO C 93 -17.34 43.56 8.27
C PRO C 93 -17.81 45.01 8.51
N VAL C 94 -18.62 45.54 7.60
CA VAL C 94 -19.29 46.83 7.88
C VAL C 94 -20.75 46.60 8.22
N ALA C 95 -21.17 47.05 9.41
CA ALA C 95 -22.58 46.98 9.82
C ALA C 95 -23.40 48.02 9.06
N PRO C 96 -24.40 47.58 8.26
CA PRO C 96 -25.18 48.54 7.49
C PRO C 96 -26.35 49.10 8.27
N ASN C 97 -27.10 50.01 7.65
CA ASN C 97 -28.32 50.49 8.29
C ASN C 97 -29.31 49.33 8.42
N CYS C 98 -30.02 49.24 9.52
CA CYS C 98 -30.89 48.04 9.70
C CYS C 98 -31.97 47.89 8.61
N LEU C 99 -32.53 49.03 8.18
CA LEU C 99 -33.58 49.10 7.14
C LEU C 99 -33.09 48.70 5.75
N GLU C 100 -31.87 49.11 5.39
CA GLU C 100 -31.15 48.50 4.24
C GLU C 100 -30.90 46.99 4.29
N LEU C 101 -30.44 46.51 5.43
CA LEU C 101 -30.30 45.08 5.65
C LEU C 101 -31.62 44.28 5.44
N ARG C 102 -32.72 44.72 6.09
CA ARG C 102 -34.03 44.10 5.85
C ARG C 102 -34.43 44.11 4.39
N ARG C 103 -34.08 45.17 3.68
CA ARG C 103 -34.39 45.28 2.24
C ARG C 103 -33.63 44.21 1.43
N LEU C 104 -32.41 43.89 1.99
CA LEU C 104 -31.58 42.87 1.32
C LEU C 104 -32.24 41.54 1.66
N CYS C 105 -32.61 41.36 2.94
CA CYS C 105 -33.48 40.25 3.29
C CYS C 105 -34.74 40.10 2.38
N PHE C 106 -35.49 41.16 2.18
CA PHE C 106 -36.73 41.07 1.46
C PHE C 106 -36.52 40.57 0.03
N SER C 107 -35.33 40.81 -0.53
CA SER C 107 -35.03 40.47 -1.95
C SER C 107 -34.93 38.97 -2.24
N ASP C 108 -34.73 38.18 -1.17
CA ASP C 108 -34.58 36.70 -1.25
C ASP C 108 -35.78 36.05 -0.58
N PRO C 109 -36.55 35.25 -1.35
CA PRO C 109 -37.72 34.59 -0.74
C PRO C 109 -37.51 33.81 0.58
N LEU C 110 -36.41 33.03 0.70
CA LEU C 110 -36.09 32.33 1.98
C LEU C 110 -35.94 33.25 3.18
N CYS C 111 -35.11 34.27 3.04
CA CYS C 111 -34.92 35.24 4.15
C CYS C 111 -36.22 35.93 4.52
N ARG C 112 -36.99 36.42 3.53
CA ARG C 112 -38.29 37.03 3.87
C ARG C 112 -39.17 36.09 4.76
N SER C 113 -39.28 34.84 4.32
CA SER C 113 -40.04 33.81 5.06
C SER C 113 -39.53 33.55 6.50
N ARG C 114 -38.21 33.50 6.69
CA ARG C 114 -37.62 33.31 8.04
C ARG C 114 -37.92 34.49 8.92
N LEU C 115 -37.88 35.69 8.30
CA LEU C 115 -38.16 36.94 9.08
C LEU C 115 -39.64 37.01 9.43
N VAL C 116 -40.50 36.63 8.50
CA VAL C 116 -41.92 36.49 8.85
C VAL C 116 -42.15 35.52 10.04
N ASP C 117 -41.51 34.36 10.04
CA ASP C 117 -41.84 33.49 11.16
C ASP C 117 -41.29 34.01 12.47
N PHE C 118 -40.16 34.70 12.47
CA PHE C 118 -39.61 35.26 13.72
C PHE C 118 -40.59 36.34 14.28
N GLN C 119 -41.11 37.17 13.38
CA GLN C 119 -42.13 38.16 13.78
C GLN C 119 -43.44 37.57 14.30
N THR C 120 -43.84 36.41 13.77
CA THR C 120 -45.05 35.66 14.12
C THR C 120 -44.88 35.00 15.49
N HIS C 121 -43.74 34.37 15.73
CA HIS C 121 -43.61 33.58 16.96
C HIS C 121 -42.97 34.34 18.11
N CYS C 122 -42.13 35.32 17.80
CA CYS C 122 -41.40 36.04 18.83
C CYS C 122 -42.00 37.38 19.13
N HIS C 123 -43.22 37.64 18.67
CA HIS C 123 -43.85 38.94 19.00
C HIS C 123 -44.41 38.87 20.43
N PRO C 124 -44.04 39.84 21.32
CA PRO C 124 -44.63 39.76 22.70
C PRO C 124 -46.11 40.12 22.71
N MET C 125 -46.94 39.28 23.33
CA MET C 125 -48.37 39.51 23.42
C MET C 125 -48.72 40.41 24.59
N ASP C 126 -47.78 40.61 25.49
CA ASP C 126 -47.96 41.54 26.60
C ASP C 126 -46.58 42.05 27.05
N ILE C 127 -46.60 43.04 27.92
CA ILE C 127 -45.40 43.70 28.50
C ILE C 127 -44.49 42.74 29.26
N LEU C 128 -45.05 41.59 29.68
CA LEU C 128 -44.34 40.60 30.54
C LEU C 128 -43.40 39.74 29.78
N GLY C 129 -43.68 39.63 28.49
CA GLY C 129 -42.91 38.79 27.61
C GLY C 129 -43.57 37.49 27.23
N THR C 130 -44.88 37.37 27.41
CA THR C 130 -45.54 36.21 26.85
C THR C 130 -45.41 36.25 25.32
N CYS C 131 -45.04 35.10 24.71
CA CYS C 131 -44.83 35.05 23.26
C CYS C 131 -46.17 34.87 22.54
N ALA C 132 -46.24 35.31 21.28
CA ALA C 132 -47.50 35.21 20.58
C ALA C 132 -47.98 33.74 20.38
N THR C 133 -47.06 32.77 20.31
CA THR C 133 -47.43 31.33 20.26
C THR C 133 -46.96 30.60 21.52
N GLU C 134 -45.69 30.18 21.53
CA GLU C 134 -45.06 29.47 22.68
C GLU C 134 -43.57 29.75 22.57
N GLN C 135 -42.85 29.69 23.70
CA GLN C 135 -41.38 29.97 23.62
C GLN C 135 -40.65 29.03 22.64
N SER C 136 -41.00 27.74 22.56
CA SER C 136 -40.19 26.80 21.73
C SER C 136 -40.32 27.20 20.24
N ARG C 137 -41.50 27.65 19.86
CA ARG C 137 -41.71 28.13 18.47
C ARG C 137 -40.92 29.43 18.16
N CYS C 138 -40.84 30.33 19.16
CA CYS C 138 -39.99 31.50 19.06
C CYS C 138 -38.52 31.17 18.92
N LEU C 139 -38.01 30.20 19.70
CA LEU C 139 -36.58 29.87 19.61
C LEU C 139 -36.24 29.31 18.24
N ARG C 140 -37.15 28.48 17.73
CA ARG C 140 -36.91 27.81 16.43
C ARG C 140 -36.91 28.85 15.31
N ALA C 141 -37.78 29.85 15.43
CA ALA C 141 -37.85 30.94 14.43
C ALA C 141 -36.65 31.91 14.51
N TYR C 142 -36.22 32.20 15.73
CA TYR C 142 -34.98 32.95 15.97
C TYR C 142 -33.77 32.24 15.36
N LEU C 143 -33.57 30.96 15.69
CA LEU C 143 -32.44 30.21 15.12
C LEU C 143 -32.53 30.03 13.62
N GLY C 144 -33.74 29.98 13.10
CA GLY C 144 -34.03 29.99 11.65
C GLY C 144 -33.57 31.23 10.87
N LEU C 145 -33.11 32.27 11.57
CA LEU C 145 -32.56 33.46 10.86
C LEU C 145 -31.02 33.36 10.68
N ILE C 146 -30.39 32.38 11.33
CA ILE C 146 -28.94 32.25 11.30
C ILE C 146 -28.48 31.67 9.99
N GLY C 147 -27.63 32.41 9.27
CA GLY C 147 -27.30 32.07 7.88
C GLY C 147 -28.07 32.91 6.83
N THR C 148 -29.01 33.73 7.26
CA THR C 148 -29.68 34.66 6.33
C THR C 148 -28.98 36.02 6.36
N ALA C 149 -29.43 36.96 5.55
CA ALA C 149 -28.94 38.33 5.67
C ALA C 149 -29.25 38.91 7.06
N MET C 150 -30.31 38.41 7.72
CA MET C 150 -30.66 38.93 9.03
C MET C 150 -30.14 38.06 10.14
N THR C 151 -28.84 37.72 10.14
CA THR C 151 -28.34 36.74 11.15
C THR C 151 -28.16 37.45 12.47
N PRO C 152 -28.86 36.98 13.53
CA PRO C 152 -28.67 37.54 14.86
C PRO C 152 -27.51 36.87 15.64
N ASN C 153 -26.97 37.56 16.65
CA ASN C 153 -25.93 36.87 17.43
C ASN C 153 -25.73 37.55 18.79
N PHE C 154 -25.11 36.86 19.74
CA PHE C 154 -24.76 37.47 21.03
C PHE C 154 -23.80 38.64 20.78
N VAL C 155 -23.93 39.69 21.58
CA VAL C 155 -23.14 40.89 21.32
C VAL C 155 -21.97 40.96 22.30
N SER C 156 -22.05 40.21 23.38
CA SER C 156 -21.09 40.33 24.46
C SER C 156 -20.53 39.02 24.96
N ASN C 157 -19.35 39.07 25.57
CA ASN C 157 -18.86 37.88 26.31
C ASN C 157 -19.20 37.90 27.80
N VAL C 158 -19.90 38.96 28.25
CA VAL C 158 -20.26 39.09 29.67
C VAL C 158 -21.78 39.22 29.96
N ASN C 159 -22.63 39.12 28.94
CA ASN C 159 -24.07 39.07 29.15
C ASN C 159 -24.71 38.33 28.01
N THR C 160 -26.05 38.19 28.03
CA THR C 160 -26.72 37.29 27.04
C THR C 160 -27.48 38.07 25.96
N SER C 161 -27.23 39.38 25.85
CA SER C 161 -27.91 40.24 24.88
C SER C 161 -27.58 39.78 23.46
N VAL C 162 -28.57 39.89 22.56
CA VAL C 162 -28.40 39.49 21.14
C VAL C 162 -28.81 40.70 20.26
N ALA C 163 -28.36 40.71 19.00
CA ALA C 163 -28.68 41.82 18.09
C ALA C 163 -28.40 41.39 16.66
N LEU C 164 -29.02 42.10 15.73
CA LEU C 164 -28.64 42.00 14.32
C LEU C 164 -27.34 42.77 14.19
N SER C 165 -26.59 42.55 13.11
CA SER C 165 -25.37 43.26 12.86
C SER C 165 -25.65 44.44 11.91
N CYS C 166 -26.24 45.47 12.49
CA CYS C 166 -26.71 46.63 11.78
C CYS C 166 -26.72 47.78 12.74
N THR C 167 -26.91 48.97 12.21
CA THR C 167 -26.92 50.14 13.05
C THR C 167 -28.13 50.95 12.63
N CYS C 168 -28.61 51.83 13.50
CA CYS C 168 -29.69 52.76 13.10
C CYS C 168 -29.17 54.16 12.87
N ARG C 169 -27.87 54.33 13.12
CA ARG C 169 -27.17 55.57 12.80
C ARG C 169 -27.30 55.77 11.29
N GLY C 170 -27.63 57.00 10.90
CA GLY C 170 -27.87 57.38 9.48
C GLY C 170 -29.20 56.87 8.91
N SER C 171 -30.19 56.57 9.91
CA SER C 171 -31.58 56.22 9.54
C SER C 171 -32.38 57.44 9.13
N GLY C 172 -31.86 58.65 9.40
CA GLY C 172 -32.49 59.92 9.03
C GLY C 172 -33.87 60.03 9.66
N ASN C 173 -35.02 60.60 8.66
CA ASN C 173 -36.42 60.68 9.13
C ASN C 173 -37.12 59.35 9.47
N LEU C 174 -36.36 58.26 9.39
CA LEU C 174 -36.88 56.94 9.60
C LEU C 174 -36.24 56.29 10.81
N GLN C 175 -35.62 57.13 11.65
CA GLN C 175 -35.02 56.65 12.89
C GLN C 175 -35.93 55.70 13.68
N GLU C 176 -37.19 56.08 13.87
CA GLU C 176 -38.04 55.20 14.70
C GLU C 176 -38.33 53.84 14.04
N GLU C 177 -38.56 53.83 12.73
CA GLU C 177 -38.84 52.60 12.04
C GLU C 177 -37.64 51.71 12.20
N CYS C 178 -36.46 52.32 12.18
CA CYS C 178 -35.21 51.53 12.26
C CYS C 178 -35.11 50.93 13.64
N GLU C 179 -35.39 51.73 14.67
CA GLU C 179 -35.17 51.26 16.07
C GLU C 179 -36.16 50.15 16.38
N MET C 180 -37.36 50.29 15.85
CA MET C 180 -38.39 49.24 15.99
C MET C 180 -37.91 47.89 15.48
N LEU C 181 -37.31 47.86 14.29
CA LEU C 181 -36.77 46.60 13.73
C LEU C 181 -35.64 46.09 14.56
N GLU C 182 -34.66 46.94 14.84
CA GLU C 182 -33.49 46.58 15.67
C GLU C 182 -33.94 46.03 17.04
N GLY C 183 -34.83 46.80 17.67
CA GLY C 183 -35.35 46.48 19.00
C GLY C 183 -36.03 45.13 19.11
N PHE C 184 -36.68 44.70 18.05
CA PHE C 184 -37.36 43.38 18.00
C PHE C 184 -36.38 42.24 18.27
N PHE C 185 -35.08 42.48 18.07
CA PHE C 185 -34.03 41.52 18.40
C PHE C 185 -33.33 41.92 19.67
N SER C 186 -33.01 43.21 19.80
CA SER C 186 -32.16 43.61 20.90
C SER C 186 -32.86 43.79 22.27
N HIS C 187 -34.17 44.08 22.27
CA HIS C 187 -34.86 44.39 23.56
C HIS C 187 -36.30 43.89 23.36
N ASN C 188 -36.49 42.59 23.46
CA ASN C 188 -37.78 41.91 23.12
C ASN C 188 -37.97 40.95 24.28
N PRO C 189 -38.94 41.22 25.20
CA PRO C 189 -39.05 40.38 26.39
C PRO C 189 -39.45 38.94 26.11
N CYS C 190 -40.16 38.69 25.01
CA CYS C 190 -40.57 37.31 24.66
C CYS C 190 -39.30 36.52 24.34
N LEU C 191 -38.46 37.11 23.49
CA LEU C 191 -37.24 36.46 23.07
C LEU C 191 -36.27 36.30 24.24
N THR C 192 -36.15 37.36 25.03
CA THR C 192 -35.29 37.30 26.20
C THR C 192 -35.69 36.23 27.20
N GLU C 193 -36.99 36.12 27.47
CA GLU C 193 -37.45 35.14 28.40
C GLU C 193 -37.32 33.71 27.86
N ALA C 194 -37.60 33.52 26.58
CA ALA C 194 -37.46 32.22 25.94
C ALA C 194 -36.02 31.74 26.00
N ILE C 195 -35.09 32.63 25.66
CA ILE C 195 -33.66 32.31 25.75
C ILE C 195 -33.23 32.02 27.19
N ALA C 196 -33.60 32.88 28.10
CA ALA C 196 -33.25 32.71 29.53
C ALA C 196 -33.72 31.37 30.10
N ALA C 197 -34.96 31.01 29.80
CA ALA C 197 -35.51 29.73 30.34
C ALA C 197 -34.72 28.52 29.79
N LYS C 198 -34.38 28.59 28.50
CA LYS C 198 -33.65 27.50 27.84
C LYS C 198 -32.29 27.43 28.43
N MET C 199 -31.65 28.59 28.66
CA MET C 199 -30.36 28.53 29.36
C MET C 199 -30.40 27.93 30.76
N ARG C 200 -31.40 28.28 31.58
CA ARG C 200 -31.61 27.65 32.88
C ARG C 200 -31.74 26.14 32.73
N PHE C 201 -32.52 25.72 31.74
CA PHE C 201 -32.71 24.27 31.53
C PHE C 201 -31.37 23.63 31.25
N HIS C 202 -30.59 24.26 30.36
CA HIS C 202 -29.22 23.77 30.10
C HIS C 202 -28.29 23.64 31.34
N SER C 203 -28.28 24.63 32.20
CA SER C 203 -27.55 24.55 33.49
C SER C 203 -28.04 23.37 34.35
N GLN C 204 -29.34 23.12 34.29
CA GLN C 204 -29.93 22.11 35.15
C GLN C 204 -29.68 20.70 34.67
N LEU C 205 -29.68 20.51 33.34
CA LEU C 205 -29.43 19.23 32.72
C LEU C 205 -28.07 18.71 33.13
N PHE C 206 -27.13 19.64 33.22
CA PHE C 206 -25.73 19.33 33.61
C PHE C 206 -25.40 19.43 35.09
N SER C 207 -26.38 19.78 35.92
CA SER C 207 -26.09 19.94 37.32
C SER C 207 -25.94 18.58 37.98
N SER D 9 25.89 -33.27 1.53
CA SER D 9 25.23 -33.25 0.16
C SER D 9 26.19 -33.51 -0.97
N ASP D 10 25.66 -33.97 -2.09
CA ASP D 10 26.48 -34.45 -3.20
C ASP D 10 27.19 -33.28 -3.89
N LEU D 11 28.24 -33.57 -4.66
CA LEU D 11 28.98 -32.48 -5.28
C LEU D 11 28.27 -31.85 -6.47
N CYS D 12 27.34 -32.55 -7.11
CA CYS D 12 26.52 -31.92 -8.13
C CYS D 12 25.66 -30.77 -7.56
N LEU D 13 25.06 -31.02 -6.40
CA LEU D 13 24.28 -30.00 -5.72
C LEU D 13 25.21 -28.88 -5.29
N LYS D 14 26.40 -29.20 -4.77
CA LYS D 14 27.35 -28.17 -4.30
C LYS D 14 27.78 -27.26 -5.43
N PHE D 15 28.09 -27.84 -6.59
CA PHE D 15 28.51 -26.98 -7.71
C PHE D 15 27.35 -26.17 -8.25
N ALA D 16 26.13 -26.70 -8.20
CA ALA D 16 24.93 -25.91 -8.57
C ALA D 16 24.80 -24.72 -7.65
N MET D 17 25.11 -24.93 -6.37
CA MET D 17 25.01 -23.85 -5.39
C MET D 17 26.15 -22.86 -5.47
N LEU D 18 27.33 -23.32 -5.92
CA LEU D 18 28.40 -22.37 -6.22
C LEU D 18 27.98 -21.42 -7.31
N CYS D 19 27.29 -21.92 -8.33
CA CYS D 19 26.73 -21.05 -9.37
C CYS D 19 25.70 -20.07 -8.79
N THR D 20 24.83 -20.56 -7.92
CA THR D 20 23.81 -19.69 -7.30
C THR D 20 24.41 -18.55 -6.49
N LEU D 21 25.49 -18.86 -5.76
CA LEU D 21 26.25 -17.88 -4.99
C LEU D 21 26.89 -16.78 -5.87
N ASN D 22 27.14 -17.08 -7.14
CA ASN D 22 27.77 -16.12 -8.04
C ASN D 22 26.66 -15.36 -8.76
N ASP D 23 26.59 -14.06 -8.54
CA ASP D 23 25.48 -13.33 -9.14
C ASP D 23 25.36 -13.52 -10.63
N LYS D 24 26.47 -13.43 -11.37
CA LYS D 24 26.41 -13.61 -12.83
C LYS D 24 25.96 -15.00 -13.26
N CYS D 25 26.51 -16.04 -12.62
CA CYS D 25 26.14 -17.40 -12.95
C CYS D 25 24.70 -17.73 -12.57
N ASP D 26 24.29 -17.27 -11.38
CA ASP D 26 22.94 -17.52 -10.90
C ASP D 26 21.90 -16.96 -11.91
N ARG D 27 22.16 -15.77 -12.42
CA ARG D 27 21.26 -15.17 -13.41
C ARG D 27 21.16 -15.93 -14.72
N LEU D 28 22.29 -16.41 -15.23
CA LEU D 28 22.30 -17.26 -16.43
C LEU D 28 21.67 -18.66 -16.24
N ARG D 29 21.87 -19.26 -15.07
CA ARG D 29 21.27 -20.56 -14.77
C ARG D 29 19.73 -20.44 -14.59
N LYS D 30 19.28 -19.39 -13.89
CA LYS D 30 17.85 -19.19 -13.65
C LYS D 30 17.19 -19.01 -14.96
N ALA D 31 17.87 -18.31 -15.87
CA ALA D 31 17.27 -17.99 -17.16
C ALA D 31 16.97 -19.23 -17.99
N TYR D 32 17.91 -20.17 -18.10
CA TYR D 32 17.57 -21.39 -18.82
C TYR D 32 16.62 -22.27 -18.02
N GLY D 33 16.81 -22.33 -16.70
CA GLY D 33 15.90 -23.07 -15.82
C GLY D 33 14.46 -22.67 -16.09
N GLU D 34 14.20 -21.36 -16.14
CA GLU D 34 12.88 -20.84 -16.44
C GLU D 34 12.42 -21.24 -17.89
N ALA D 35 13.31 -21.10 -18.87
CA ALA D 35 12.98 -21.36 -20.28
C ALA D 35 12.76 -22.86 -20.55
N CYS D 36 13.37 -23.69 -19.72
CA CYS D 36 13.33 -25.16 -19.87
C CYS D 36 12.40 -25.87 -18.89
N SER D 37 11.61 -25.11 -18.12
CA SER D 37 10.70 -25.69 -17.11
C SER D 37 9.31 -26.09 -17.61
N GLY D 38 8.66 -26.92 -16.83
CA GLY D 38 7.22 -27.14 -16.94
C GLY D 38 6.95 -28.11 -18.07
N PRO D 39 5.70 -28.61 -18.12
CA PRO D 39 5.32 -29.46 -19.25
C PRO D 39 5.05 -28.60 -20.50
N HIS D 40 4.73 -27.32 -20.29
CA HIS D 40 4.44 -26.36 -21.35
C HIS D 40 5.67 -25.94 -22.15
N CYS D 41 6.78 -26.70 -22.02
CA CYS D 41 8.07 -26.25 -22.51
C CYS D 41 8.18 -25.85 -23.99
N GLN D 42 8.91 -24.75 -24.25
CA GLN D 42 9.14 -24.33 -25.63
C GLN D 42 10.53 -24.63 -25.98
N ARG D 43 10.70 -25.70 -26.75
CA ARG D 43 12.00 -26.28 -26.95
C ARG D 43 13.02 -25.28 -27.48
N HIS D 44 12.66 -24.54 -28.52
CA HIS D 44 13.60 -23.66 -29.18
C HIS D 44 14.07 -22.53 -28.27
N VAL D 45 13.21 -22.11 -27.35
CA VAL D 45 13.52 -21.09 -26.36
C VAL D 45 14.47 -21.65 -25.28
N CYS D 46 14.19 -22.85 -24.81
CA CYS D 46 15.10 -23.53 -23.90
C CYS D 46 16.50 -23.69 -24.49
N LEU D 47 16.57 -24.11 -25.75
CA LEU D 47 17.86 -24.37 -26.41
C LEU D 47 18.67 -23.09 -26.54
N ARG D 48 17.99 -22.01 -26.94
CA ARG D 48 18.63 -20.69 -26.96
C ARG D 48 19.25 -20.26 -25.65
N GLN D 49 18.55 -20.53 -24.54
CA GLN D 49 19.02 -20.18 -23.21
C GLN D 49 20.16 -21.05 -22.73
N LEU D 50 20.17 -22.29 -23.19
CA LEU D 50 21.31 -23.18 -22.88
C LEU D 50 22.56 -22.72 -23.59
N LEU D 51 22.42 -22.37 -24.87
CA LEU D 51 23.55 -21.87 -25.66
C LEU D 51 24.11 -20.66 -24.96
N THR D 52 23.22 -19.75 -24.58
CA THR D 52 23.62 -18.56 -23.83
C THR D 52 24.32 -18.88 -22.55
N PHE D 53 23.82 -19.86 -21.80
CA PHE D 53 24.48 -20.22 -20.56
C PHE D 53 25.96 -20.61 -20.78
N PHE D 54 26.21 -21.55 -21.69
CA PHE D 54 27.55 -22.05 -21.87
C PHE D 54 28.45 -21.03 -22.54
N GLU D 55 27.86 -20.17 -23.36
CA GLU D 55 28.55 -19.04 -23.93
C GLU D 55 29.02 -18.00 -22.88
N LYS D 56 28.12 -17.66 -21.97
CA LYS D 56 28.39 -16.54 -21.10
C LYS D 56 28.90 -16.90 -19.72
N ALA D 57 28.58 -18.08 -19.19
CA ALA D 57 29.00 -18.42 -17.81
C ALA D 57 30.50 -18.67 -17.75
N ALA D 58 31.08 -18.40 -16.59
CA ALA D 58 32.50 -18.66 -16.39
C ALA D 58 32.76 -20.13 -16.59
N GLU D 59 33.79 -20.50 -17.35
CA GLU D 59 34.05 -21.88 -17.62
C GLU D 59 34.13 -22.77 -16.38
N PRO D 60 34.86 -22.35 -15.29
CA PRO D 60 34.85 -23.22 -14.12
C PRO D 60 33.44 -23.47 -13.54
N HIS D 61 32.51 -22.48 -13.63
CA HIS D 61 31.15 -22.67 -13.13
C HIS D 61 30.30 -23.58 -13.97
N ALA D 62 30.35 -23.35 -15.27
CA ALA D 62 29.68 -24.18 -16.26
C ALA D 62 30.18 -25.64 -16.22
N GLN D 63 31.51 -25.82 -16.12
CA GLN D 63 32.05 -27.18 -16.01
C GLN D 63 31.75 -27.84 -14.72
N GLY D 64 31.82 -27.08 -13.63
CA GLY D 64 31.42 -27.65 -12.30
C GLY D 64 29.95 -28.09 -12.25
N LEU D 65 29.08 -27.29 -12.86
CA LEU D 65 27.65 -27.54 -12.89
C LEU D 65 27.34 -28.86 -13.57
N LEU D 66 27.98 -29.08 -14.73
CA LEU D 66 27.64 -30.24 -15.53
C LEU D 66 28.55 -31.43 -15.35
N LEU D 67 29.85 -31.15 -15.17
CA LEU D 67 30.83 -32.25 -15.12
C LEU D 67 31.14 -32.58 -13.69
N CYS D 68 30.08 -32.87 -12.95
CA CYS D 68 30.26 -32.98 -11.51
C CYS D 68 30.29 -34.48 -11.14
N PRO D 69 31.14 -34.84 -10.17
CA PRO D 69 31.35 -36.22 -9.81
C PRO D 69 30.25 -36.73 -8.88
N CYS D 70 29.93 -38.05 -8.98
CA CYS D 70 28.91 -38.70 -8.17
C CYS D 70 29.50 -40.02 -7.71
N ALA D 71 29.31 -40.32 -6.43
CA ALA D 71 29.69 -41.58 -5.80
C ALA D 71 29.02 -42.74 -6.53
N PRO D 72 29.49 -43.99 -6.28
CA PRO D 72 29.02 -45.17 -7.01
C PRO D 72 27.48 -45.28 -6.95
N ASN D 73 26.96 -45.35 -5.73
CA ASN D 73 25.53 -45.60 -5.50
C ASN D 73 24.64 -44.35 -5.24
N ASP D 74 25.09 -43.20 -5.72
CA ASP D 74 24.36 -41.95 -5.47
C ASP D 74 23.47 -41.63 -6.69
N ARG D 75 22.34 -42.36 -6.78
CA ARG D 75 21.35 -42.19 -7.87
C ARG D 75 20.83 -40.76 -7.96
N GLY D 76 20.68 -40.09 -6.81
CA GLY D 76 20.19 -38.71 -6.74
C GLY D 76 21.17 -37.71 -7.34
N CYS D 77 22.45 -37.91 -7.03
CA CYS D 77 23.51 -37.12 -7.66
C CYS D 77 23.53 -37.31 -9.17
N GLY D 78 23.48 -38.57 -9.61
CA GLY D 78 23.47 -38.84 -11.06
C GLY D 78 22.26 -38.38 -11.80
N GLU D 79 21.09 -38.47 -11.16
CA GLU D 79 19.84 -37.99 -11.74
C GLU D 79 19.86 -36.47 -11.89
N ARG D 80 20.44 -35.78 -10.90
CA ARG D 80 20.62 -34.32 -10.96
C ARG D 80 21.54 -33.92 -12.10
N ARG D 81 22.69 -34.59 -12.18
CA ARG D 81 23.66 -34.36 -13.26
C ARG D 81 23.00 -34.59 -14.61
N ARG D 82 22.28 -35.69 -14.72
CA ARG D 82 21.60 -36.08 -15.97
C ARG D 82 20.49 -35.09 -16.39
N ASN D 83 19.87 -34.41 -15.40
CA ASN D 83 18.79 -33.45 -15.72
C ASN D 83 19.11 -31.97 -15.69
N THR D 84 20.36 -31.68 -15.45
CA THR D 84 20.84 -30.32 -15.30
C THR D 84 20.51 -29.47 -16.53
N ILE D 85 20.67 -30.06 -17.73
CA ILE D 85 20.30 -29.36 -18.97
C ILE D 85 18.83 -29.45 -19.36
N ALA D 86 18.00 -30.01 -18.49
CA ALA D 86 16.57 -30.12 -18.81
C ALA D 86 16.33 -30.89 -20.15
N PRO D 87 16.84 -32.12 -20.24
CA PRO D 87 16.71 -32.89 -21.49
C PRO D 87 15.28 -33.20 -21.89
N ASN D 88 14.35 -33.28 -20.94
CA ASN D 88 12.94 -33.47 -21.35
C ASN D 88 12.37 -32.32 -22.16
N CYS D 89 12.91 -31.13 -21.94
CA CYS D 89 12.52 -29.99 -22.74
C CYS D 89 13.42 -29.77 -23.95
N ALA D 90 14.74 -29.92 -23.76
CA ALA D 90 15.75 -29.62 -24.77
C ALA D 90 15.86 -30.62 -25.92
N LEU D 91 15.53 -31.87 -25.62
CA LEU D 91 15.67 -32.94 -26.59
C LEU D 91 14.32 -33.24 -27.19
N PRO D 92 14.30 -33.61 -28.49
CA PRO D 92 12.99 -33.90 -29.05
C PRO D 92 12.40 -35.12 -28.37
N PRO D 93 11.06 -35.18 -28.26
CA PRO D 93 10.43 -36.36 -27.66
C PRO D 93 10.75 -37.62 -28.40
N VAL D 94 10.88 -37.53 -29.73
CA VAL D 94 11.23 -38.72 -30.53
C VAL D 94 12.67 -38.59 -31.09
N ALA D 95 13.50 -39.59 -30.83
CA ALA D 95 14.87 -39.60 -31.29
C ALA D 95 14.94 -39.92 -32.77
N PRO D 96 15.53 -39.01 -33.58
CA PRO D 96 15.70 -39.20 -35.01
C PRO D 96 16.90 -40.03 -35.27
N ASN D 97 17.11 -40.38 -36.54
CA ASN D 97 18.36 -41.00 -36.93
C ASN D 97 19.57 -40.05 -36.73
N CYS D 98 20.70 -40.59 -36.28
CA CYS D 98 21.84 -39.71 -35.97
C CYS D 98 22.43 -38.89 -37.13
N LEU D 99 22.32 -39.40 -38.35
CA LEU D 99 22.83 -38.63 -39.47
C LEU D 99 21.93 -37.48 -39.82
N GLU D 100 20.63 -37.66 -39.53
CA GLU D 100 19.65 -36.63 -39.78
C GLU D 100 19.95 -35.47 -38.84
N LEU D 101 20.24 -35.80 -37.59
CA LEU D 101 20.66 -34.83 -36.63
C LEU D 101 21.87 -34.03 -37.13
N ARG D 102 22.87 -34.73 -37.65
CA ARG D 102 24.05 -34.06 -38.19
C ARG D 102 23.64 -33.16 -39.37
N ARG D 103 22.77 -33.68 -40.24
CA ARG D 103 22.32 -32.89 -41.35
C ARG D 103 21.69 -31.59 -40.87
N LEU D 104 20.74 -31.65 -39.94
CA LEU D 104 20.12 -30.45 -39.36
C LEU D 104 21.20 -29.50 -38.81
N CYS D 105 22.21 -30.08 -38.18
CA CYS D 105 23.35 -29.30 -37.66
C CYS D 105 24.06 -28.56 -38.80
N PHE D 106 24.37 -29.27 -39.89
CA PHE D 106 25.08 -28.65 -41.01
C PHE D 106 24.27 -27.53 -41.59
N SER D 107 22.95 -27.61 -41.41
CA SER D 107 22.03 -26.65 -42.01
C SER D 107 22.02 -25.28 -41.31
N ASP D 108 22.57 -25.22 -40.13
CA ASP D 108 22.61 -24.03 -39.26
C ASP D 108 24.08 -23.64 -39.09
N PRO D 109 24.48 -22.42 -39.48
CA PRO D 109 25.88 -22.00 -39.44
C PRO D 109 26.48 -22.02 -38.04
N LEU D 110 25.74 -21.62 -37.02
CA LEU D 110 26.27 -21.76 -35.64
C LEU D 110 26.51 -23.23 -35.29
N CYS D 111 25.51 -24.09 -35.46
CA CYS D 111 25.66 -25.51 -35.16
C CYS D 111 26.78 -26.12 -35.96
N ARG D 112 26.83 -25.85 -37.27
CA ARG D 112 27.90 -26.34 -38.15
C ARG D 112 29.27 -25.97 -37.49
N SER D 113 29.41 -24.73 -37.09
CA SER D 113 30.65 -24.27 -36.48
C SER D 113 30.96 -25.06 -35.21
N ARG D 114 29.97 -25.23 -34.35
CA ARG D 114 30.18 -25.96 -33.11
C ARG D 114 30.58 -27.41 -33.34
N LEU D 115 29.97 -28.06 -34.34
CA LEU D 115 30.34 -29.46 -34.65
C LEU D 115 31.77 -29.55 -35.17
N VAL D 116 32.19 -28.65 -36.07
CA VAL D 116 33.57 -28.65 -36.51
C VAL D 116 34.53 -28.49 -35.35
N ASP D 117 34.22 -27.58 -34.45
CA ASP D 117 35.11 -27.38 -33.30
C ASP D 117 35.25 -28.69 -32.49
N PHE D 118 34.13 -29.36 -32.25
CA PHE D 118 34.13 -30.57 -31.44
C PHE D 118 34.92 -31.67 -32.15
N GLN D 119 34.75 -31.76 -33.46
CA GLN D 119 35.47 -32.74 -34.25
C GLN D 119 36.96 -32.47 -34.29
N THR D 120 37.35 -31.20 -34.19
CA THR D 120 38.74 -30.82 -34.16
C THR D 120 39.41 -31.13 -32.81
N HIS D 121 38.80 -30.67 -31.74
CA HIS D 121 39.42 -30.72 -30.42
C HIS D 121 39.28 -32.04 -29.69
N CYS D 122 38.22 -32.81 -30.02
CA CYS D 122 37.95 -34.04 -29.29
C CYS D 122 38.34 -35.26 -30.08
N HIS D 123 39.09 -35.09 -31.17
CA HIS D 123 39.59 -36.24 -31.91
C HIS D 123 40.61 -37.00 -31.08
N PRO D 124 40.39 -38.32 -30.87
CA PRO D 124 41.33 -39.15 -30.13
C PRO D 124 42.59 -39.47 -30.99
N MET D 125 43.78 -39.33 -30.38
CA MET D 125 45.03 -39.61 -31.06
C MET D 125 45.57 -40.98 -30.62
N ASP D 126 45.04 -41.55 -29.53
CA ASP D 126 45.51 -42.88 -29.10
C ASP D 126 44.53 -43.48 -28.06
N ILE D 127 44.79 -44.67 -27.55
CA ILE D 127 43.85 -45.22 -26.56
C ILE D 127 44.00 -44.60 -25.14
N LEU D 128 45.07 -43.85 -24.92
CA LEU D 128 45.32 -43.21 -23.61
C LEU D 128 44.49 -42.01 -23.32
N GLY D 129 43.82 -41.52 -24.36
CA GLY D 129 43.01 -40.37 -24.19
C GLY D 129 43.61 -39.08 -24.68
N THR D 130 44.72 -39.18 -25.41
CA THR D 130 45.35 -38.01 -25.93
C THR D 130 44.41 -37.40 -26.95
N CYS D 131 44.10 -36.13 -26.78
CA CYS D 131 43.26 -35.41 -27.72
C CYS D 131 44.07 -34.77 -28.85
N ALA D 132 43.41 -34.45 -29.97
CA ALA D 132 44.13 -33.80 -31.09
C ALA D 132 44.78 -32.51 -30.63
N THR D 133 44.12 -31.81 -29.71
CA THR D 133 44.62 -30.56 -29.15
C THR D 133 44.94 -30.65 -27.66
N GLU D 134 44.03 -30.20 -26.81
CA GLU D 134 44.17 -30.30 -25.35
C GLU D 134 42.85 -30.79 -24.76
N GLN D 135 42.93 -31.37 -23.58
CA GLN D 135 41.74 -31.80 -22.88
C GLN D 135 40.78 -30.66 -22.67
N SER D 136 41.30 -29.50 -22.27
CA SER D 136 40.42 -28.38 -21.91
C SER D 136 39.73 -27.79 -23.14
N ARG D 137 40.37 -27.87 -24.28
CA ARG D 137 39.71 -27.40 -25.53
C ARG D 137 38.64 -28.38 -26.00
N CYS D 138 38.87 -29.67 -25.78
CA CYS D 138 37.84 -30.68 -25.99
C CYS D 138 36.59 -30.41 -25.14
N LEU D 139 36.76 -30.17 -23.83
CA LEU D 139 35.62 -29.93 -22.98
C LEU D 139 34.82 -28.71 -23.42
N ARG D 140 35.54 -27.63 -23.70
CA ARG D 140 34.93 -26.42 -24.22
C ARG D 140 34.08 -26.71 -25.49
N ALA D 141 34.63 -27.49 -26.42
CA ALA D 141 33.92 -27.79 -27.70
C ALA D 141 32.72 -28.70 -27.45
N TYR D 142 32.89 -29.65 -26.55
CA TYR D 142 31.81 -30.52 -26.12
C TYR D 142 30.60 -29.77 -25.53
N LEU D 143 30.88 -28.90 -24.55
CA LEU D 143 29.81 -28.11 -23.93
C LEU D 143 29.22 -27.09 -24.94
N GLY D 144 30.03 -26.66 -25.91
CA GLY D 144 29.58 -25.83 -27.03
C GLY D 144 28.51 -26.46 -27.93
N LEU D 145 28.30 -27.76 -27.78
CA LEU D 145 27.21 -28.42 -28.54
C LEU D 145 25.84 -28.40 -27.84
N ILE D 146 25.84 -28.11 -26.55
CA ILE D 146 24.62 -28.08 -25.74
C ILE D 146 23.75 -26.86 -26.10
N GLY D 147 22.53 -27.15 -26.55
CA GLY D 147 21.58 -26.13 -27.06
C GLY D 147 21.57 -26.09 -28.58
N THR D 148 22.42 -26.92 -29.18
CA THR D 148 22.34 -27.11 -30.65
C THR D 148 21.47 -28.33 -31.06
N ALA D 149 21.34 -28.53 -32.37
CA ALA D 149 20.62 -29.70 -32.87
C ALA D 149 21.31 -30.99 -32.43
N MET D 150 22.58 -30.91 -32.02
CA MET D 150 23.31 -32.10 -31.63
C MET D 150 23.71 -32.02 -30.16
N THR D 151 22.71 -31.89 -29.31
CA THR D 151 22.92 -31.62 -27.89
C THR D 151 23.25 -32.97 -27.24
N PRO D 152 24.49 -33.10 -26.73
CA PRO D 152 24.85 -34.35 -26.01
C PRO D 152 24.41 -34.28 -24.53
N ASN D 153 24.18 -35.45 -23.91
CA ASN D 153 23.86 -35.49 -22.49
C ASN D 153 24.27 -36.82 -21.86
N PHE D 154 24.40 -36.88 -20.53
CA PHE D 154 24.54 -38.17 -19.82
C PHE D 154 23.39 -39.09 -20.09
N VAL D 155 23.73 -40.37 -20.36
CA VAL D 155 22.79 -41.45 -20.68
C VAL D 155 22.17 -42.07 -19.42
N SER D 156 22.91 -42.04 -18.31
CA SER D 156 22.52 -42.80 -17.13
C SER D 156 22.68 -42.03 -15.82
N ASN D 157 21.92 -42.41 -14.80
CA ASN D 157 22.15 -41.80 -13.55
C ASN D 157 23.11 -42.57 -12.68
N VAL D 158 23.60 -43.70 -13.18
CA VAL D 158 24.63 -44.48 -12.48
C VAL D 158 26.01 -44.54 -13.11
N ASN D 159 26.20 -43.87 -14.25
CA ASN D 159 27.51 -43.83 -14.92
C ASN D 159 27.69 -42.54 -15.66
N THR D 160 28.90 -42.31 -16.22
CA THR D 160 29.22 -41.02 -16.80
C THR D 160 29.23 -41.08 -18.33
N SER D 161 28.66 -42.12 -18.94
CA SER D 161 28.60 -42.14 -20.40
C SER D 161 27.70 -41.04 -20.92
N VAL D 162 28.03 -40.52 -22.11
CA VAL D 162 27.34 -39.39 -22.71
C VAL D 162 27.02 -39.75 -24.19
N ALA D 163 25.95 -39.19 -24.76
CA ALA D 163 25.56 -39.55 -26.13
C ALA D 163 24.62 -38.51 -26.71
N LEU D 164 24.40 -38.56 -28.02
CA LEU D 164 23.35 -37.75 -28.62
C LEU D 164 21.99 -38.42 -28.46
N SER D 165 20.92 -37.63 -28.62
CA SER D 165 19.57 -38.16 -28.58
C SER D 165 19.16 -38.55 -29.99
N CYS D 166 19.62 -39.73 -30.39
CA CYS D 166 19.44 -40.22 -31.75
C CYS D 166 19.65 -41.73 -31.77
N THR D 167 19.29 -42.35 -32.90
CA THR D 167 19.45 -43.77 -33.05
C THR D 167 20.05 -44.04 -34.42
N CYS D 168 20.60 -45.24 -34.61
CA CYS D 168 20.98 -45.68 -35.95
C CYS D 168 20.00 -46.65 -36.62
N ARG D 169 18.83 -46.79 -36.02
CA ARG D 169 17.76 -47.52 -36.69
C ARG D 169 17.31 -46.72 -37.92
N GLY D 170 16.82 -47.43 -38.96
CA GLY D 170 16.42 -46.81 -40.22
C GLY D 170 17.55 -46.07 -40.91
N SER D 171 18.71 -46.72 -40.97
CA SER D 171 19.93 -46.12 -41.54
C SER D 171 20.26 -46.70 -42.91
N GLY D 172 19.95 -47.98 -43.09
CA GLY D 172 20.16 -48.68 -44.35
C GLY D 172 21.62 -48.76 -44.77
N ASN D 173 21.87 -48.42 -46.05
CA ASN D 173 23.22 -48.43 -46.64
C ASN D 173 24.18 -47.54 -45.87
N LEU D 174 23.62 -46.76 -44.94
CA LEU D 174 24.40 -45.78 -44.17
C LEU D 174 24.61 -46.20 -42.72
N GLN D 175 24.62 -47.50 -42.45
CA GLN D 175 24.75 -47.99 -41.07
C GLN D 175 26.07 -47.64 -40.42
N GLU D 176 27.18 -47.86 -41.13
CA GLU D 176 28.52 -47.71 -40.55
C GLU D 176 28.88 -46.27 -40.28
N GLU D 177 28.60 -45.41 -41.25
CA GLU D 177 28.72 -43.95 -41.13
C GLU D 177 27.95 -43.44 -39.90
N CYS D 178 26.74 -43.96 -39.71
CA CYS D 178 25.91 -43.62 -38.57
C CYS D 178 26.57 -44.03 -37.25
N GLU D 179 27.06 -45.27 -37.19
CA GLU D 179 27.61 -45.84 -35.92
C GLU D 179 28.94 -45.19 -35.59
N MET D 180 29.62 -44.75 -36.63
CA MET D 180 30.86 -43.96 -36.54
C MET D 180 30.62 -42.63 -35.83
N LEU D 181 29.50 -41.97 -36.18
CA LEU D 181 29.11 -40.71 -35.55
C LEU D 181 28.76 -40.95 -34.08
N GLU D 182 27.93 -41.95 -33.82
CA GLU D 182 27.64 -42.32 -32.42
C GLU D 182 28.93 -42.57 -31.65
N GLY D 183 29.86 -43.25 -32.31
CA GLY D 183 31.17 -43.64 -31.72
C GLY D 183 32.04 -42.49 -31.24
N PHE D 184 31.92 -41.35 -31.87
CA PHE D 184 32.63 -40.16 -31.45
C PHE D 184 32.22 -39.73 -30.04
N PHE D 185 31.07 -40.21 -29.55
CA PHE D 185 30.60 -39.92 -28.19
C PHE D 185 30.72 -41.10 -27.28
N SER D 186 30.50 -42.31 -27.81
CA SER D 186 30.49 -43.48 -26.96
C SER D 186 31.82 -44.16 -26.83
N HIS D 187 32.62 -44.07 -27.87
CA HIS D 187 33.86 -44.83 -27.99
C HIS D 187 35.01 -43.91 -28.33
N ASN D 188 35.10 -42.80 -27.62
CA ASN D 188 36.07 -41.75 -27.83
C ASN D 188 36.94 -41.59 -26.58
N PRO D 189 38.15 -42.19 -26.59
CA PRO D 189 39.03 -42.14 -25.40
C PRO D 189 39.38 -40.71 -25.00
N CYS D 190 39.52 -39.79 -25.96
CA CYS D 190 39.85 -38.38 -25.65
C CYS D 190 38.70 -37.72 -24.84
N LEU D 191 37.46 -37.81 -25.37
CA LEU D 191 36.33 -37.22 -24.66
C LEU D 191 36.12 -37.89 -23.30
N THR D 192 36.15 -39.22 -23.28
CA THR D 192 35.89 -39.95 -22.06
C THR D 192 36.87 -39.52 -20.98
N GLU D 193 38.16 -39.52 -21.31
CA GLU D 193 39.19 -39.23 -20.31
C GLU D 193 39.15 -37.75 -19.95
N ALA D 194 38.86 -36.85 -20.87
CA ALA D 194 38.70 -35.42 -20.50
C ALA D 194 37.58 -35.18 -19.46
N ILE D 195 36.44 -35.84 -19.64
CA ILE D 195 35.35 -35.74 -18.67
C ILE D 195 35.72 -36.39 -17.37
N ALA D 196 36.32 -37.58 -17.45
CA ALA D 196 36.70 -38.31 -16.23
C ALA D 196 37.76 -37.53 -15.42
N ALA D 197 38.74 -36.95 -16.11
CA ALA D 197 39.77 -36.10 -15.48
C ALA D 197 39.19 -34.90 -14.75
N LYS D 198 38.23 -34.24 -15.40
CA LYS D 198 37.63 -33.02 -14.84
C LYS D 198 36.82 -33.38 -13.61
N MET D 199 36.12 -34.51 -13.69
CA MET D 199 35.38 -35.00 -12.54
C MET D 199 36.29 -35.34 -11.37
N ARG D 200 37.41 -36.00 -11.65
CA ARG D 200 38.40 -36.26 -10.61
C ARG D 200 38.94 -34.99 -9.97
N PHE D 201 39.28 -34.02 -10.82
CA PHE D 201 39.65 -32.68 -10.39
C PHE D 201 38.66 -32.04 -9.43
N HIS D 202 37.38 -32.03 -9.81
CA HIS D 202 36.29 -31.48 -8.98
C HIS D 202 36.16 -32.17 -7.63
N SER D 203 36.25 -33.51 -7.60
CA SER D 203 36.36 -34.28 -6.34
C SER D 203 37.48 -33.82 -5.45
N GLN D 204 38.66 -33.73 -6.05
CA GLN D 204 39.91 -33.45 -5.35
C GLN D 204 39.93 -32.00 -4.89
N LEU D 205 39.41 -31.10 -5.71
CA LEU D 205 39.21 -29.70 -5.36
C LEU D 205 38.43 -29.53 -4.05
N PHE D 206 37.30 -30.21 -3.94
CA PHE D 206 36.49 -30.10 -2.74
C PHE D 206 37.12 -30.76 -1.54
N SER D 207 37.90 -31.81 -1.77
CA SER D 207 38.39 -32.69 -0.70
C SER D 207 39.46 -32.06 0.21
C1 NAG E . -24.20 43.49 27.11
C2 NAG E . -25.02 44.75 27.49
C3 NAG E . -24.84 45.81 26.43
C4 NAG E . -23.39 46.13 26.12
C5 NAG E . -22.73 44.78 25.85
C6 NAG E . -21.22 44.73 25.52
C7 NAG E . -27.24 44.68 28.61
C8 NAG E . -28.70 44.46 28.33
N2 NAG E . -26.47 44.42 27.54
O3 NAG E . -25.56 46.92 26.86
O4 NAG E . -23.51 46.78 24.87
O5 NAG E . -22.87 43.97 26.99
O6 NAG E . -20.68 45.51 26.50
O7 NAG E . -26.82 45.11 29.69
C1 NAG E . -22.91 48.01 24.80
C2 NAG E . -22.63 48.44 23.34
C3 NAG E . -22.06 49.85 23.34
C4 NAG E . -23.09 50.65 24.06
C5 NAG E . -23.32 50.16 25.48
C6 NAG E . -24.28 51.11 26.20
C7 NAG E . -22.05 46.57 21.98
C8 NAG E . -21.02 45.66 21.41
N2 NAG E . -21.63 47.62 22.72
O3 NAG E . -21.85 50.44 22.05
O4 NAG E . -22.62 51.97 24.14
O5 NAG E . -23.83 48.89 25.42
O6 NAG E . -25.51 51.08 25.56
O7 NAG E . -23.25 46.36 21.78
C1 BMA E . -22.67 52.72 22.88
C2 BMA E . -23.13 54.09 23.38
C3 BMA E . -23.29 55.07 22.19
C4 BMA E . -22.09 55.01 21.25
C5 BMA E . -21.91 53.58 20.88
C6 BMA E . -20.70 53.42 20.01
O2 BMA E . -22.06 54.64 24.23
O3 BMA E . -23.01 56.34 22.60
O4 BMA E . -22.25 55.94 20.17
O5 BMA E . -21.44 52.99 22.09
O6 BMA E . -20.81 52.09 19.65
C1 MAN E . -24.19 57.01 23.11
C2 MAN E . -24.06 58.53 22.83
C3 MAN E . -23.20 59.22 23.83
C4 MAN E . -23.51 58.73 25.30
C5 MAN E . -23.67 57.26 25.49
C6 MAN E . -24.17 56.95 26.94
O2 MAN E . -25.38 59.02 22.86
O3 MAN E . -23.39 60.70 23.79
O4 MAN E . -22.41 59.49 26.17
O5 MAN E . -24.55 56.61 24.49
O6 MAN E . -25.49 57.51 27.13
C1 MAN E . -19.84 51.83 18.64
C2 MAN E . -20.03 50.43 18.09
C3 MAN E . -19.62 49.43 19.16
C4 MAN E . -18.20 49.69 19.72
C5 MAN E . -17.92 51.16 20.02
C6 MAN E . -16.45 51.47 19.72
O2 MAN E . -19.21 50.38 16.93
O3 MAN E . -19.49 48.19 18.57
O4 MAN E . -18.02 48.83 20.85
O5 MAN E . -18.53 52.12 19.14
O6 MAN E . -15.81 51.61 20.95
C1 NAG F . 25.96 -46.57 -18.70
C2 NAG F . 26.80 -47.54 -19.56
C3 NAG F . 26.23 -47.71 -20.98
C4 NAG F . 24.76 -48.13 -20.93
C5 NAG F . 24.02 -47.06 -20.09
C6 NAG F . 22.51 -47.34 -19.99
C7 NAG F . 29.20 -47.68 -19.11
C8 NAG F . 30.55 -47.08 -19.43
N2 NAG F . 28.16 -47.07 -19.70
O3 NAG F . 27.05 -48.60 -21.70
O4 NAG F . 24.17 -48.27 -22.23
O5 NAG F . 24.58 -46.92 -18.77
O6 NAG F . 22.05 -47.22 -18.67
O7 NAG F . 29.08 -48.68 -18.38
#